data_9HCQ
#
_entry.id   9HCQ
#
_cell.length_a   51.662
_cell.length_b   51.662
_cell.length_c   146.533
_cell.angle_alpha   90.00
_cell.angle_beta   90.00
_cell.angle_gamma   90.00
#
_symmetry.space_group_name_H-M   'P 41 21 2'
#
loop_
_entity.id
_entity.type
_entity.pdbx_description
1 polymer 'Telomeric repeat-binding factor 1'
2 non-polymer 1,2-ETHANEDIOL
3 non-polymer "N-(4-methoxyphenyl)-N'-pyridin-4-ylurea"
4 non-polymer 'CALCIUM ION'
5 water water
#
_entity_poly.entity_id   1
_entity_poly.type   'polypeptide(L)'
_entity_poly.pdbx_seq_one_letter_code
;SNAQVQVGAPEEEEEEEEDAGLVAEAEAVAAGWMLDFLCLSLCRAFRDGRSEDFRRTRNSAEAIIHGLSSLTACQLRTIY
ICQFLTRIAAGKTLDAQFENDERITPLESALMIWGSIEKEHDKLHEEIQNLIKIQAIAVCMENGNFKEAEEVFERIFGDP
NSHMPFKSKLLMIISQKDTFHSFFQHFSYNHMMEKIKSYVNYVLSEKSSTFLMKAAAKVVESKR
;
_entity_poly.pdbx_strand_id   A
#
loop_
_chem_comp.id
_chem_comp.type
_chem_comp.name
_chem_comp.formula
CA non-polymer 'CALCIUM ION' 'Ca 2'
EDO non-polymer 1,2-ETHANEDIOL 'C2 H6 O2'
JHJ non-polymer N-(4-methoxyphenyl)-N'-pyridin-4-ylurea 'C13 H13 N3 O2'
#
# COMPACT_ATOMS: atom_id res chain seq x y z
N GLU A 16 -16.43 -16.08 36.03
CA GLU A 16 -15.36 -15.10 36.02
C GLU A 16 -14.31 -15.45 34.98
N GLU A 17 -13.95 -16.73 34.89
CA GLU A 17 -12.98 -17.19 33.89
C GLU A 17 -13.66 -17.23 32.51
N GLU A 18 -14.91 -17.73 32.46
CA GLU A 18 -15.68 -17.77 31.22
C GLU A 18 -16.16 -16.37 30.83
N ASP A 19 -16.38 -15.47 31.81
CA ASP A 19 -16.76 -14.09 31.54
C ASP A 19 -15.58 -13.39 30.90
N ALA A 20 -14.35 -13.58 31.43
CA ALA A 20 -13.15 -12.99 30.85
C ALA A 20 -12.95 -13.43 29.40
N GLY A 21 -13.27 -14.71 29.12
CA GLY A 21 -13.18 -15.30 27.79
C GLY A 21 -14.16 -14.69 26.82
N LEU A 22 -15.41 -14.47 27.25
CA LEU A 22 -16.41 -13.82 26.40
C LEU A 22 -16.00 -12.36 26.13
N VAL A 23 -15.44 -11.69 27.15
CA VAL A 23 -14.95 -10.32 27.04
C VAL A 23 -13.81 -10.25 26.01
N ALA A 24 -12.86 -11.19 26.07
CA ALA A 24 -11.75 -11.24 25.13
C ALA A 24 -12.24 -11.50 23.70
N GLU A 25 -13.25 -12.38 23.55
CA GLU A 25 -13.81 -12.65 22.22
C GLU A 25 -14.51 -11.40 21.68
N ALA A 26 -15.22 -10.66 22.52
CA ALA A 26 -15.92 -9.45 22.09
C ALA A 26 -14.90 -8.38 21.71
N GLU A 27 -13.79 -8.25 22.46
CA GLU A 27 -12.73 -7.31 22.09
C GLU A 27 -12.12 -7.68 20.73
N ALA A 28 -11.96 -8.99 20.43
CA ALA A 28 -11.41 -9.41 19.14
C ALA A 28 -12.38 -9.07 17.99
N VAL A 29 -13.69 -9.21 18.24
CA VAL A 29 -14.70 -8.83 17.23
C VAL A 29 -14.63 -7.33 16.94
N ALA A 30 -14.59 -6.52 18.01
CA ALA A 30 -14.54 -5.06 17.87
C ALA A 30 -13.26 -4.61 17.15
N ALA A 31 -12.12 -5.26 17.43
CA ALA A 31 -10.86 -4.93 16.76
C ALA A 31 -10.92 -5.20 15.26
N GLY A 32 -11.60 -6.27 14.88
CA GLY A 32 -11.76 -6.61 13.47
C GLY A 32 -12.61 -5.56 12.76
N TRP A 33 -13.65 -5.08 13.43
CA TRP A 33 -14.50 -4.02 12.88
C TRP A 33 -13.71 -2.72 12.77
N MET A 34 -12.84 -2.43 13.75
CA MET A 34 -12.02 -1.21 13.71
C MET A 34 -10.98 -1.29 12.57
N LEU A 35 -10.39 -2.46 12.36
CA LEU A 35 -9.38 -2.65 11.30
C LEU A 35 -9.99 -2.39 9.91
N ASP A 36 -11.14 -2.97 9.63
CA ASP A 36 -11.84 -2.77 8.36
C ASP A 36 -12.18 -1.29 8.16
N PHE A 37 -12.69 -0.62 9.22
CA PHE A 37 -13.06 0.79 9.12
C PHE A 37 -11.82 1.65 8.83
N LEU A 38 -10.70 1.40 9.54
CA LEU A 38 -9.49 2.19 9.32
C LEU A 38 -8.89 1.92 7.95
N CYS A 39 -9.01 0.70 7.44
CA CYS A 39 -8.54 0.39 6.08
C CYS A 39 -9.36 1.19 5.08
N LEU A 40 -10.68 1.20 5.25
CA LEU A 40 -11.58 1.98 4.38
C LEU A 40 -11.23 3.49 4.42
N SER A 41 -10.98 4.05 5.62
CA SER A 41 -10.62 5.46 5.76
CA SER A 41 -10.63 5.45 5.76
C SER A 41 -9.25 5.74 5.14
N LEU A 42 -8.32 4.79 5.26
CA LEU A 42 -6.97 4.93 4.71
C LEU A 42 -7.06 4.93 3.18
N CYS A 43 -7.87 4.03 2.59
CA CYS A 43 -8.06 3.98 1.13
C CYS A 43 -8.64 5.31 0.63
N ARG A 44 -9.65 5.84 1.35
CA ARG A 44 -10.29 7.08 0.93
C ARG A 44 -9.32 8.26 0.98
N ALA A 45 -8.50 8.35 2.03
CA ALA A 45 -7.53 9.43 2.15
C ALA A 45 -6.47 9.28 1.05
N PHE A 46 -6.05 8.03 0.74
CA PHE A 46 -5.07 7.80 -0.34
C PHE A 46 -5.66 8.25 -1.67
N ARG A 47 -6.90 7.86 -1.96
CA ARG A 47 -7.57 8.21 -3.21
C ARG A 47 -7.77 9.73 -3.35
N ASP A 48 -8.11 10.41 -2.25
CA ASP A 48 -8.31 11.87 -2.27
C ASP A 48 -7.02 12.68 -2.22
N GLY A 49 -5.89 12.06 -1.93
CA GLY A 49 -4.64 12.79 -1.75
C GLY A 49 -4.60 13.60 -0.46
N ARG A 50 -5.35 13.17 0.57
CA ARG A 50 -5.36 13.88 1.88
C ARG A 50 -4.20 13.30 2.70
N SER A 51 -3.00 13.87 2.49
CA SER A 51 -1.76 13.36 3.10
CA SER A 51 -1.74 13.39 3.09
C SER A 51 -1.74 13.29 4.62
N GLU A 52 -2.20 14.32 5.31
CA GLU A 52 -2.23 14.35 6.76
C GLU A 52 -3.27 13.37 7.35
N ASP A 53 -4.46 13.28 6.74
CA ASP A 53 -5.47 12.31 7.18
C ASP A 53 -4.93 10.88 6.97
N PHE A 54 -4.19 10.65 5.86
CA PHE A 54 -3.58 9.36 5.59
C PHE A 54 -2.58 9.03 6.70
N ARG A 55 -1.68 9.98 7.05
CA ARG A 55 -0.68 9.79 8.11
C ARG A 55 -1.35 9.43 9.44
N ARG A 56 -2.37 10.21 9.85
CA ARG A 56 -3.06 9.97 11.13
C ARG A 56 -3.81 8.62 11.15
N THR A 57 -4.49 8.30 10.05
CA THR A 57 -5.22 7.04 9.94
C THR A 57 -4.26 5.84 9.93
N ARG A 58 -3.08 6.00 9.30
N ARG A 58 -3.10 5.99 9.30
CA ARG A 58 -2.06 4.96 9.24
CA ARG A 58 -2.06 4.96 9.23
C ARG A 58 -1.57 4.63 10.65
C ARG A 58 -1.59 4.63 10.65
N ASN A 59 -1.35 5.66 11.47
CA ASN A 59 -0.92 5.51 12.85
C ASN A 59 -1.97 4.71 13.66
N SER A 60 -3.26 5.03 13.46
CA SER A 60 -4.36 4.33 14.13
C SER A 60 -4.43 2.86 13.66
N ALA A 61 -4.28 2.61 12.34
CA ALA A 61 -4.33 1.25 11.81
C ALA A 61 -3.16 0.43 12.36
N GLU A 62 -1.96 1.02 12.46
N GLU A 62 -1.96 1.02 12.46
CA GLU A 62 -0.78 0.34 13.00
CA GLU A 62 -0.79 0.31 13.00
C GLU A 62 -1.03 -0.11 14.45
C GLU A 62 -1.02 -0.11 14.45
N ALA A 63 -1.60 0.78 15.25
CA ALA A 63 -1.86 0.49 16.65
C ALA A 63 -2.89 -0.61 16.80
N ILE A 64 -3.98 -0.56 16.04
CA ILE A 64 -5.02 -1.59 16.10
C ILE A 64 -4.45 -2.96 15.69
N ILE A 65 -3.58 -2.97 14.67
CA ILE A 65 -2.95 -4.21 14.19
C ILE A 65 -2.09 -4.85 15.27
N HIS A 66 -1.31 -4.03 16.01
CA HIS A 66 -0.46 -4.54 17.08
CA HIS A 66 -0.43 -4.46 17.11
C HIS A 66 -1.24 -5.13 18.25
N GLY A 67 -2.52 -4.76 18.39
CA GLY A 67 -3.37 -5.29 19.45
C GLY A 67 -4.24 -6.48 19.03
N LEU A 68 -4.13 -6.95 17.78
CA LEU A 68 -4.98 -8.04 17.29
C LEU A 68 -4.79 -9.38 18.03
N SER A 69 -5.93 -9.96 18.51
CA SER A 69 -6.09 -11.21 19.28
C SER A 69 -6.20 -12.47 18.40
N SER A 70 -6.57 -12.30 17.13
CA SER A 70 -6.73 -13.40 16.18
C SER A 70 -6.68 -12.88 14.74
N LEU A 71 -6.49 -13.76 13.74
CA LEU A 71 -6.39 -13.30 12.36
C LEU A 71 -6.97 -14.21 11.28
N THR A 72 -7.97 -13.73 10.56
CA THR A 72 -8.55 -14.50 9.45
C THR A 72 -7.80 -14.18 8.13
N ALA A 73 -8.05 -14.97 7.07
CA ALA A 73 -7.43 -14.71 5.77
C ALA A 73 -7.89 -13.35 5.22
N CYS A 74 -9.17 -12.96 5.47
CA CYS A 74 -9.67 -11.66 5.04
C CYS A 74 -8.95 -10.51 5.78
N GLN A 75 -8.66 -10.67 7.09
CA GLN A 75 -7.94 -9.64 7.86
C GLN A 75 -6.48 -9.53 7.42
N LEU A 76 -5.85 -10.66 7.02
CA LEU A 76 -4.47 -10.60 6.51
C LEU A 76 -4.46 -9.78 5.20
N ARG A 77 -5.47 -9.98 4.33
CA ARG A 77 -5.57 -9.20 3.09
C ARG A 77 -5.75 -7.71 3.40
N THR A 78 -6.56 -7.39 4.41
CA THR A 78 -6.78 -5.99 4.82
C THR A 78 -5.46 -5.39 5.35
N ILE A 79 -4.70 -6.15 6.14
CA ILE A 79 -3.41 -5.65 6.66
C ILE A 79 -2.45 -5.38 5.50
N TYR A 80 -2.36 -6.33 4.54
CA TYR A 80 -1.49 -6.17 3.37
C TYR A 80 -1.89 -4.95 2.58
N ILE A 81 -3.21 -4.69 2.43
CA ILE A 81 -3.65 -3.50 1.69
C ILE A 81 -3.16 -2.23 2.38
N CYS A 82 -3.33 -2.14 3.72
CA CYS A 82 -2.83 -0.96 4.47
C CYS A 82 -1.31 -0.79 4.31
N GLN A 83 -0.54 -1.88 4.50
CA GLN A 83 0.92 -1.81 4.39
C GLN A 83 1.34 -1.38 2.95
N PHE A 84 0.66 -1.93 1.92
CA PHE A 84 0.96 -1.60 0.53
C PHE A 84 0.80 -0.09 0.26
N LEU A 85 -0.35 0.49 0.68
CA LEU A 85 -0.56 1.92 0.47
C LEU A 85 0.46 2.78 1.24
N THR A 86 0.85 2.34 2.44
CA THR A 86 1.85 3.05 3.24
C THR A 86 3.19 3.16 2.49
N ARG A 87 3.63 2.02 1.92
CA ARG A 87 4.87 1.95 1.15
C ARG A 87 4.82 2.77 -0.12
N ILE A 88 3.68 2.72 -0.83
CA ILE A 88 3.48 3.54 -2.03
C ILE A 88 3.52 5.03 -1.66
N ALA A 89 2.84 5.41 -0.57
CA ALA A 89 2.86 6.83 -0.10
C ALA A 89 4.30 7.26 0.26
N ALA A 90 5.10 6.33 0.79
CA ALA A 90 6.51 6.59 1.12
C ALA A 90 7.49 6.28 -0.04
N GLY A 91 6.97 6.07 -1.26
CA GLY A 91 7.77 5.66 -2.42
C GLY A 91 8.99 6.52 -2.76
N LYS A 92 8.86 7.84 -2.57
CA LYS A 92 9.97 8.75 -2.82
C LYS A 92 10.83 9.04 -1.57
N THR A 93 10.54 8.39 -0.43
CA THR A 93 11.27 8.56 0.81
C THR A 93 12.30 7.43 0.91
N LEU A 94 13.44 7.57 0.23
CA LEU A 94 14.46 6.52 0.25
C LEU A 94 15.13 6.30 1.62
N ASP A 95 14.86 7.18 2.61
CA ASP A 95 15.39 7.02 3.97
C ASP A 95 14.48 6.17 4.87
N ALA A 96 13.31 5.72 4.38
CA ALA A 96 12.39 4.92 5.16
C ALA A 96 12.76 3.45 5.00
N GLN A 97 12.89 2.74 6.12
CA GLN A 97 13.27 1.34 6.13
C GLN A 97 12.08 0.49 6.51
N PHE A 98 11.46 -0.20 5.55
CA PHE A 98 10.29 -1.04 5.84
C PHE A 98 10.61 -2.49 6.12
N GLU A 99 11.83 -2.95 5.80
CA GLU A 99 12.20 -4.35 6.02
C GLU A 99 13.40 -4.44 6.96
N ASN A 100 13.62 -5.63 7.58
CA ASN A 100 14.79 -5.87 8.43
C ASN A 100 16.07 -5.73 7.60
N ASP A 101 16.03 -6.12 6.31
CA ASP A 101 17.14 -5.92 5.39
C ASP A 101 17.04 -4.45 5.03
N GLU A 102 17.99 -3.65 5.53
CA GLU A 102 18.03 -2.19 5.32
C GLU A 102 18.18 -1.74 3.85
N ARG A 103 18.54 -2.65 2.95
CA ARG A 103 18.74 -2.30 1.56
C ARG A 103 17.45 -2.17 0.74
N ILE A 104 16.36 -2.77 1.21
CA ILE A 104 15.10 -2.78 0.46
C ILE A 104 14.41 -1.42 0.48
N THR A 105 14.22 -0.84 -0.70
CA THR A 105 13.54 0.46 -0.81
C THR A 105 12.01 0.35 -0.62
N PRO A 106 11.33 1.46 -0.26
CA PRO A 106 9.86 1.41 -0.11
C PRO A 106 9.07 0.82 -1.30
N LEU A 107 9.38 1.21 -2.55
CA LEU A 107 8.66 0.64 -3.71
C LEU A 107 8.96 -0.89 -3.88
N GLU A 108 10.16 -1.35 -3.50
CA GLU A 108 10.48 -2.79 -3.57
C GLU A 108 9.68 -3.53 -2.49
N SER A 109 9.51 -2.91 -1.30
CA SER A 109 8.71 -3.49 -0.25
C SER A 109 7.23 -3.57 -0.70
N ALA A 110 6.72 -2.52 -1.39
CA ALA A 110 5.35 -2.49 -1.93
C ALA A 110 5.16 -3.60 -2.99
N LEU A 111 6.18 -3.80 -3.83
CA LEU A 111 6.15 -4.86 -4.83
C LEU A 111 6.03 -6.26 -4.20
N MET A 112 6.77 -6.50 -3.08
CA MET A 112 6.71 -7.78 -2.39
C MET A 112 5.32 -8.05 -1.82
N ILE A 113 4.71 -7.00 -1.24
CA ILE A 113 3.35 -7.16 -0.70
C ILE A 113 2.36 -7.40 -1.84
N TRP A 114 2.51 -6.64 -2.94
CA TRP A 114 1.64 -6.80 -4.11
C TRP A 114 1.62 -8.25 -4.65
N GLY A 115 2.79 -8.92 -4.62
CA GLY A 115 2.92 -10.30 -5.06
C GLY A 115 2.44 -11.33 -4.05
N SER A 116 2.09 -10.90 -2.82
CA SER A 116 1.62 -11.77 -1.71
C SER A 116 0.13 -11.72 -1.47
N ILE A 117 -0.54 -10.60 -1.77
CA ILE A 117 -1.98 -10.47 -1.55
C ILE A 117 -2.77 -11.53 -2.31
N GLU A 118 -3.75 -12.17 -1.64
CA GLU A 118 -4.60 -13.16 -2.27
C GLU A 118 -5.63 -12.38 -3.07
N LYS A 119 -5.33 -12.12 -4.33
CA LYS A 119 -6.18 -11.33 -5.19
C LYS A 119 -6.03 -11.80 -6.63
N GLU A 120 -6.99 -11.41 -7.49
CA GLU A 120 -6.99 -11.77 -8.89
C GLU A 120 -5.79 -11.11 -9.58
N HIS A 121 -5.11 -11.85 -10.45
CA HIS A 121 -4.03 -11.28 -11.22
C HIS A 121 -4.60 -10.89 -12.59
N ASP A 122 -5.45 -9.86 -12.57
CA ASP A 122 -6.06 -9.35 -13.80
C ASP A 122 -5.03 -8.41 -14.53
N LYS A 123 -5.42 -7.80 -15.68
CA LYS A 123 -4.49 -6.92 -16.40
C LYS A 123 -4.03 -5.73 -15.52
N LEU A 124 -4.95 -5.17 -14.71
CA LEU A 124 -4.61 -4.05 -13.83
C LEU A 124 -3.56 -4.45 -12.82
N HIS A 125 -3.63 -5.70 -12.31
CA HIS A 125 -2.64 -6.19 -11.35
C HIS A 125 -1.22 -6.12 -11.95
N GLU A 126 -1.08 -6.58 -13.20
CA GLU A 126 0.24 -6.60 -13.86
C GLU A 126 0.72 -5.22 -14.25
N GLU A 127 -0.20 -4.35 -14.65
CA GLU A 127 0.13 -2.97 -15.01
C GLU A 127 0.70 -2.25 -13.78
N ILE A 128 0.06 -2.43 -12.62
CA ILE A 128 0.52 -1.84 -11.36
C ILE A 128 1.89 -2.44 -11.00
N GLN A 129 2.01 -3.76 -11.08
CA GLN A 129 3.30 -4.44 -10.80
C GLN A 129 4.46 -3.85 -11.65
N ASN A 130 4.24 -3.71 -12.96
CA ASN A 130 5.27 -3.20 -13.84
C ASN A 130 5.56 -1.73 -13.63
N LEU A 131 4.56 -0.93 -13.28
CA LEU A 131 4.80 0.48 -12.99
C LEU A 131 5.62 0.65 -11.69
N ILE A 132 5.35 -0.18 -10.67
CA ILE A 132 6.14 -0.13 -9.43
C ILE A 132 7.60 -0.53 -9.74
N LYS A 133 7.81 -1.55 -10.58
CA LYS A 133 9.17 -1.97 -10.96
C LYS A 133 9.96 -0.85 -11.63
N ILE A 134 9.36 -0.13 -12.56
CA ILE A 134 10.03 0.95 -13.28
C ILE A 134 10.30 2.12 -12.34
N GLN A 135 9.30 2.47 -11.52
CA GLN A 135 9.45 3.59 -10.61
C GLN A 135 10.43 3.32 -9.49
N ALA A 136 10.60 2.07 -9.08
CA ALA A 136 11.59 1.72 -8.06
C ALA A 136 13.00 2.11 -8.52
N ILE A 137 13.25 1.98 -9.82
CA ILE A 137 14.53 2.38 -10.40
C ILE A 137 14.53 3.90 -10.58
N ALA A 138 13.47 4.45 -11.20
CA ALA A 138 13.35 5.89 -11.45
C ALA A 138 13.54 6.77 -10.23
N VAL A 139 12.98 6.40 -9.06
CA VAL A 139 13.14 7.22 -7.86
C VAL A 139 14.62 7.24 -7.39
N CYS A 140 15.38 6.16 -7.63
CA CYS A 140 16.80 6.13 -7.26
C CYS A 140 17.58 7.04 -8.20
N MET A 141 17.29 6.98 -9.49
CA MET A 141 17.93 7.79 -10.53
CA MET A 141 17.95 7.81 -10.48
C MET A 141 17.71 9.29 -10.26
N GLU A 142 16.47 9.66 -9.89
CA GLU A 142 16.10 11.05 -9.62
C GLU A 142 16.85 11.66 -8.46
N ASN A 143 17.24 10.85 -7.47
CA ASN A 143 18.01 11.35 -6.34
C ASN A 143 19.55 11.27 -6.55
N GLY A 144 20.00 10.88 -7.73
CA GLY A 144 21.41 10.72 -8.03
C GLY A 144 22.02 9.44 -7.49
N ASN A 145 21.17 8.49 -7.05
CA ASN A 145 21.59 7.21 -6.50
C ASN A 145 21.71 6.20 -7.66
N PHE A 146 22.72 6.37 -8.52
CA PHE A 146 22.94 5.54 -9.69
C PHE A 146 23.35 4.11 -9.36
N LYS A 147 24.21 3.93 -8.37
CA LYS A 147 24.63 2.59 -7.97
C LYS A 147 23.47 1.87 -7.28
N GLU A 148 22.67 2.59 -6.46
CA GLU A 148 21.52 1.97 -5.81
C GLU A 148 20.48 1.54 -6.85
N ALA A 149 20.31 2.33 -7.94
CA ALA A 149 19.38 1.99 -9.02
C ALA A 149 19.75 0.66 -9.66
N GLU A 150 21.06 0.42 -9.88
CA GLU A 150 21.53 -0.85 -10.46
C GLU A 150 21.25 -2.01 -9.50
N GLU A 151 21.42 -1.78 -8.19
CA GLU A 151 21.15 -2.80 -7.17
C GLU A 151 19.66 -3.13 -7.07
N VAL A 152 18.79 -2.11 -7.14
CA VAL A 152 17.33 -2.31 -7.17
C VAL A 152 16.98 -3.13 -8.43
N PHE A 153 17.55 -2.73 -9.58
CA PHE A 153 17.35 -3.46 -10.84
C PHE A 153 17.73 -4.94 -10.71
N GLU A 154 18.89 -5.24 -10.09
CA GLU A 154 19.33 -6.63 -9.93
C GLU A 154 18.40 -7.44 -9.03
N ARG A 155 17.89 -6.81 -7.95
CA ARG A 155 16.99 -7.48 -7.04
C ARG A 155 15.65 -7.78 -7.70
N ILE A 156 15.14 -6.84 -8.48
CA ILE A 156 13.85 -6.99 -9.14
C ILE A 156 13.90 -7.85 -10.42
N PHE A 157 14.79 -7.51 -11.35
CA PHE A 157 14.84 -8.13 -12.67
C PHE A 157 15.72 -9.37 -12.74
N GLY A 158 15.24 -10.45 -12.11
CA GLY A 158 15.95 -11.71 -12.13
CA MET A 164 13.68 -8.98 -21.81
C MET A 164 13.74 -7.57 -22.43
N PRO A 165 12.75 -7.22 -23.26
CA PRO A 165 12.77 -5.91 -23.92
C PRO A 165 12.70 -4.72 -22.96
N PHE A 166 11.76 -4.76 -22.00
CA PHE A 166 11.59 -3.71 -21.01
C PHE A 166 12.82 -3.65 -20.09
N LYS A 167 13.31 -4.84 -19.69
CA LYS A 167 14.48 -5.05 -18.84
C LYS A 167 15.76 -4.43 -19.43
N SER A 168 16.08 -4.73 -20.71
CA SER A 168 17.29 -4.21 -21.34
C SER A 168 17.26 -2.70 -21.51
N LYS A 169 16.06 -2.12 -21.75
CA LYS A 169 15.90 -0.68 -21.86
C LYS A 169 16.22 0.00 -20.54
N LEU A 170 15.78 -0.59 -19.42
CA LEU A 170 16.04 -0.04 -18.09
C LEU A 170 17.52 -0.08 -17.75
N LEU A 171 18.21 -1.18 -18.05
CA LEU A 171 19.65 -1.25 -17.76
C LEU A 171 20.44 -0.22 -18.58
N MET A 172 20.00 0.04 -19.82
CA MET A 172 20.62 1.05 -20.68
C MET A 172 20.44 2.44 -20.06
N ILE A 173 19.23 2.76 -19.55
CA ILE A 173 18.96 4.04 -18.89
C ILE A 173 19.83 4.21 -17.63
N ILE A 174 19.93 3.15 -16.81
CA ILE A 174 20.74 3.22 -15.59
C ILE A 174 22.23 3.49 -15.92
N SER A 175 22.78 2.76 -16.91
CA SER A 175 24.19 2.93 -17.31
C SER A 175 24.49 4.31 -17.91
N GLN A 176 23.52 4.90 -18.62
CA GLN A 176 23.67 6.24 -19.18
C GLN A 176 23.41 7.34 -18.15
N LYS A 177 22.85 7.00 -16.96
CA LYS A 177 22.47 7.97 -15.94
C LYS A 177 21.44 8.99 -16.48
N ASP A 178 20.61 8.56 -17.46
CA ASP A 178 19.60 9.36 -18.12
C ASP A 178 18.38 9.48 -17.21
N THR A 179 18.51 10.33 -16.18
CA THR A 179 17.50 10.57 -15.15
C THR A 179 16.13 10.99 -15.71
N PHE A 180 16.09 12.00 -16.57
CA PHE A 180 14.84 12.51 -17.11
C PHE A 180 14.48 11.89 -18.46
N HIS A 181 14.83 10.61 -18.65
CA HIS A 181 14.55 9.86 -19.87
C HIS A 181 13.06 9.88 -20.21
N SER A 182 12.74 9.88 -21.50
CA SER A 182 11.35 9.87 -21.96
C SER A 182 10.59 8.65 -21.44
N PHE A 183 11.28 7.52 -21.23
CA PHE A 183 10.68 6.26 -20.75
C PHE A 183 10.01 6.45 -19.39
N PHE A 184 10.66 7.16 -18.48
CA PHE A 184 10.10 7.42 -17.17
C PHE A 184 8.94 8.43 -17.22
N GLN A 185 8.81 9.21 -18.30
CA GLN A 185 7.69 10.15 -18.45
C GLN A 185 6.44 9.41 -18.94
N HIS A 186 6.60 8.34 -19.72
CA HIS A 186 5.46 7.54 -20.16
C HIS A 186 5.02 6.57 -19.07
N PHE A 187 5.97 5.97 -18.34
CA PHE A 187 5.63 5.07 -17.23
C PHE A 187 6.00 5.80 -15.95
N SER A 188 5.35 6.94 -15.74
CA SER A 188 5.62 7.90 -14.68
C SER A 188 5.10 7.52 -13.29
N TYR A 189 5.56 8.28 -12.27
CA TYR A 189 5.11 8.09 -10.90
C TYR A 189 3.62 8.41 -10.80
N ASN A 190 3.17 9.47 -11.51
CA ASN A 190 1.77 9.87 -11.53
C ASN A 190 0.91 8.76 -12.15
N HIS A 191 1.41 8.12 -13.22
CA HIS A 191 0.70 7.02 -13.87
CA HIS A 191 0.71 7.03 -13.89
C HIS A 191 0.58 5.83 -12.94
N MET A 192 1.65 5.54 -12.17
CA MET A 192 1.62 4.45 -11.19
C MET A 192 0.53 4.77 -10.14
N MET A 193 0.53 6.04 -9.65
CA MET A 193 -0.47 6.48 -8.66
C MET A 193 -1.90 6.35 -9.21
N GLU A 194 -2.14 6.76 -10.45
CA GLU A 194 -3.49 6.67 -11.03
C GLU A 194 -3.97 5.22 -11.18
N LYS A 195 -3.09 4.31 -11.60
CA LYS A 195 -3.48 2.90 -11.71
C LYS A 195 -3.76 2.33 -10.32
N ILE A 196 -2.91 2.65 -9.31
CA ILE A 196 -3.18 2.20 -7.95
C ILE A 196 -4.52 2.77 -7.43
N LYS A 197 -4.80 4.05 -7.72
CA LYS A 197 -6.09 4.65 -7.34
C LYS A 197 -7.29 3.91 -7.94
N SER A 198 -7.18 3.37 -9.15
CA SER A 198 -8.29 2.57 -9.74
C SER A 198 -8.52 1.30 -8.89
N TYR A 199 -7.44 0.65 -8.41
CA TYR A 199 -7.58 -0.54 -7.55
C TYR A 199 -8.17 -0.12 -6.20
N VAL A 200 -7.71 1.01 -5.65
CA VAL A 200 -8.22 1.55 -4.41
C VAL A 200 -9.71 1.84 -4.48
N ASN A 201 -10.20 2.34 -5.64
CA ASN A 201 -11.64 2.58 -5.80
C ASN A 201 -12.45 1.29 -5.64
N TYR A 202 -11.93 0.18 -6.15
CA TYR A 202 -12.58 -1.12 -6.02
C TYR A 202 -12.57 -1.55 -4.53
N VAL A 203 -11.42 -1.39 -3.81
CA VAL A 203 -11.36 -1.76 -2.40
C VAL A 203 -12.36 -0.91 -1.59
N LEU A 204 -12.43 0.39 -1.91
CA LEU A 204 -13.36 1.32 -1.26
C LEU A 204 -14.82 0.86 -1.43
N SER A 205 -15.22 0.50 -2.67
N SER A 205 -15.21 0.50 -2.66
CA SER A 205 -16.60 0.06 -2.92
CA SER A 205 -16.58 0.06 -2.92
C SER A 205 -16.91 -1.25 -2.19
C SER A 205 -16.90 -1.23 -2.16
N GLU A 206 -15.93 -2.15 -2.10
CA GLU A 206 -16.06 -3.42 -1.40
C GLU A 206 -16.18 -3.24 0.12
N LYS A 207 -15.38 -2.37 0.73
CA LYS A 207 -15.38 -2.17 2.17
C LYS A 207 -16.36 -1.10 2.67
N SER A 208 -17.05 -0.40 1.76
CA SER A 208 -18.03 0.60 2.18
C SER A 208 -19.19 -0.04 2.95
N SER A 209 -19.47 -1.33 2.74
CA SER A 209 -20.56 -1.98 3.48
C SER A 209 -20.08 -2.67 4.77
N THR A 210 -18.82 -2.45 5.23
CA THR A 210 -18.39 -3.09 6.49
C THR A 210 -19.15 -2.46 7.69
N PHE A 211 -19.38 -3.28 8.72
CA PHE A 211 -20.21 -2.94 9.89
C PHE A 211 -20.10 -1.50 10.41
N LEU A 212 -18.92 -1.06 10.85
CA LEU A 212 -18.76 0.25 11.48
C LEU A 212 -19.13 1.41 10.55
N MET A 213 -18.74 1.35 9.28
CA MET A 213 -19.09 2.40 8.31
C MET A 213 -20.59 2.38 8.03
N LYS A 214 -21.20 1.20 7.83
CA LYS A 214 -22.65 1.10 7.59
C LYS A 214 -23.46 1.65 8.77
N ALA A 215 -23.09 1.27 10.00
CA ALA A 215 -23.77 1.72 11.22
C ALA A 215 -23.60 3.24 11.40
N ALA A 216 -22.38 3.78 11.12
CA ALA A 216 -22.13 5.21 11.26
C ALA A 216 -22.93 5.99 10.21
N ALA A 217 -22.97 5.48 8.96
CA ALA A 217 -23.73 6.13 7.88
C ALA A 217 -25.20 6.15 8.18
N LYS A 218 -25.73 5.11 8.84
CA LYS A 218 -27.15 5.06 9.20
C LYS A 218 -27.48 6.13 10.26
N VAL A 219 -26.60 6.31 11.25
CA VAL A 219 -26.76 7.32 12.29
C VAL A 219 -26.79 8.73 11.65
N VAL A 220 -25.87 8.98 10.73
CA VAL A 220 -25.73 10.28 10.04
C VAL A 220 -26.94 10.57 9.17
N GLU A 221 -27.34 9.58 8.37
CA GLU A 221 -28.48 9.73 7.47
C GLU A 221 -29.77 9.94 8.24
N SER A 222 -29.93 9.29 9.41
CA SER A 222 -31.15 9.45 10.21
C SER A 222 -31.30 10.87 10.76
N LYS A 223 -30.18 11.56 11.02
CA LYS A 223 -30.22 12.94 11.51
C LYS A 223 -30.31 13.98 10.35
N ARG A 224 -30.59 13.53 9.11
CA ARG A 224 -30.66 14.45 7.97
C ARG A 224 -32.10 14.74 7.51
C1 EDO B . -1.93 -14.48 -5.27
O1 EDO B . -2.68 -15.26 -6.18
C2 EDO B . -0.48 -14.91 -5.25
O2 EDO B . -0.09 -15.25 -3.92
C1 EDO C . 16.04 1.70 2.26
O1 EDO C . 16.50 2.38 3.43
C2 EDO C . 17.08 1.80 1.20
O2 EDO C . 16.84 2.97 0.46
C1 EDO D . -0.16 0.66 7.83
O1 EDO D . 1.26 0.78 7.97
C2 EDO D . -0.70 -0.41 8.73
O2 EDO D . 0.06 -1.59 8.56
C10 JHJ E . -0.81 -11.32 13.15
N12 JHJ E . -1.45 -11.37 14.36
C13 JHJ E . -2.11 -12.44 14.95
C15 JHJ E . -2.91 -14.68 15.03
C17 JHJ E . -3.27 -13.34 16.82
C01 JHJ E . 2.00 -8.99 7.01
C03 JHJ E . 1.47 -8.74 9.34
C04 JHJ E . 0.73 -9.92 9.32
C05 JHJ E . 0.08 -10.33 10.46
C06 JHJ E . 0.15 -9.59 11.63
C07 JHJ E . 0.90 -8.43 11.65
C08 JHJ E . 1.54 -7.99 10.51
C14 JHJ E . -2.23 -13.69 14.36
C18 JHJ E . -2.66 -12.27 16.22
N09 JHJ E . -0.45 -10.05 12.82
N16 JHJ E . -3.46 -14.52 16.24
O02 JHJ E . 2.13 -8.28 8.24
O11 JHJ E . -0.59 -12.32 12.47
CA CA F . 18.03 4.58 1.89
#